data_7NFT
#
_entry.id   7NFT
#
_cell.length_a   128.195
_cell.length_b   128.195
_cell.length_c   70.266
_cell.angle_alpha   90.000
_cell.angle_beta   90.000
_cell.angle_gamma   120.000
#
_symmetry.space_group_name_H-M   'P 6'
#
loop_
_entity.id
_entity.type
_entity.pdbx_description
1 polymer 'Polymerase basic protein 2'
2 polymer Nb8208
3 non-polymer 'SULFATE ION'
#
loop_
_entity_poly.entity_id
_entity_poly.type
_entity_poly.pdbx_seq_one_letter_code
_entity_poly.pdbx_strand_id
1 'polypeptide(L)'
;HHHHHHGENLYFQGGGEVRNDDVDQSLIIAARNIVRRATVSTDPLASLLEMCHSTQIGGIRMVDILRQNPTEEQAVDICK
AAMGLRISSSFSFGGFTFKRTSGSSVKKEEEVLTGNLQTLKIRVHEGYEEFTMVGRRATAILRKATRRLIQLIVSGRDEQ
SIAEAIIVAMVFSQEDCMIKAVRGDLNFVNRANQRLNPMHQLLRHFQKDAKVLFQNWGIEPIDNVMGMIGILPDMTPSTE
MSLRGVRVSKMGVDEYSSTERVVVSIDRFLRVRDQRGNVLLSPEEVSETQGTERLTITYSSSMM
;
A,B
2 'polypeptide(L)'
;QVQLQESGGGLVQPGGSLRLSCAASGRTFSMYAMAWFRQAPGKQREFVGTISRSGDYALHADAVKGRFTISRDNAKNTVY
LQMNSLKLEDTAVYYCAAGAYHSKDKTLYDYWGQGTQVTVSSHHHHHHEPEA
;
C,D
#
# COMPACT_ATOMS: atom_id res chain seq x y z
N SER A 90 14.89 -23.87 -24.21
CA SER A 90 14.39 -23.05 -23.11
C SER A 90 13.09 -22.36 -23.49
N PHE A 91 12.16 -22.32 -22.54
CA PHE A 91 10.84 -21.71 -22.74
C PHE A 91 10.64 -20.57 -21.76
N SER A 92 9.70 -19.69 -22.10
CA SER A 92 9.37 -18.55 -21.27
C SER A 92 7.98 -18.73 -20.66
N PHE A 93 7.85 -18.33 -19.40
CA PHE A 93 6.58 -18.45 -18.68
C PHE A 93 6.54 -17.35 -17.64
N GLY A 94 5.53 -16.49 -17.71
CA GLY A 94 5.42 -15.41 -16.75
C GLY A 94 6.54 -14.40 -16.84
N GLY A 95 7.16 -14.27 -18.01
CA GLY A 95 8.30 -13.39 -18.17
C GLY A 95 9.60 -13.93 -17.61
N PHE A 96 9.60 -15.17 -17.11
CA PHE A 96 10.79 -15.81 -16.57
C PHE A 96 11.28 -16.88 -17.55
N THR A 97 12.59 -16.96 -17.71
CA THR A 97 13.20 -17.93 -18.60
C THR A 97 13.51 -19.21 -17.82
N PHE A 98 12.84 -20.30 -18.19
CA PHE A 98 12.99 -21.59 -17.51
C PHE A 98 13.96 -22.48 -18.25
N LYS A 99 14.90 -23.07 -17.51
CA LYS A 99 15.83 -24.06 -18.06
C LYS A 99 15.97 -25.22 -17.11
N ARG A 100 15.76 -26.43 -17.61
CA ARG A 100 15.91 -27.63 -16.80
C ARG A 100 17.40 -27.97 -16.67
N THR A 101 17.90 -27.98 -15.43
CA THR A 101 19.29 -28.29 -15.17
C THR A 101 19.52 -29.73 -14.79
N SER A 102 18.53 -30.40 -14.20
CA SER A 102 18.67 -31.79 -13.80
C SER A 102 17.28 -32.42 -13.74
N GLY A 103 17.26 -33.74 -13.78
CA GLY A 103 16.02 -34.48 -13.67
C GLY A 103 15.39 -34.77 -15.02
N SER A 104 14.25 -35.46 -14.95
CA SER A 104 13.51 -35.82 -16.16
C SER A 104 12.03 -35.94 -15.81
N SER A 105 11.19 -35.80 -16.84
CA SER A 105 9.75 -35.86 -16.67
C SER A 105 9.12 -36.41 -17.93
N VAL A 106 7.90 -36.88 -17.79
CA VAL A 106 7.10 -37.41 -18.90
C VAL A 106 5.77 -36.68 -18.90
N LYS A 107 5.44 -36.05 -20.03
CA LYS A 107 4.23 -35.22 -20.08
C LYS A 107 3.00 -36.11 -20.09
N LYS A 108 2.00 -35.71 -19.29
CA LYS A 108 0.79 -36.48 -19.11
C LYS A 108 -0.37 -35.52 -18.95
N GLU A 109 -1.45 -35.74 -19.70
CA GLU A 109 -2.62 -34.89 -19.61
C GLU A 109 -3.49 -35.33 -18.44
N GLU A 110 -3.86 -34.37 -17.59
CA GLU A 110 -4.65 -34.63 -16.40
C GLU A 110 -5.79 -33.63 -16.32
N GLU A 111 -6.93 -34.10 -15.81
CA GLU A 111 -8.11 -33.25 -15.61
C GLU A 111 -8.19 -32.87 -14.14
N VAL A 112 -8.12 -31.56 -13.86
CA VAL A 112 -8.09 -31.06 -12.50
C VAL A 112 -9.32 -30.19 -12.26
N LEU A 113 -9.69 -30.04 -11.00
CA LEU A 113 -10.87 -29.31 -10.59
C LEU A 113 -10.47 -28.11 -9.73
N THR A 114 -10.91 -26.92 -10.14
CA THR A 114 -10.52 -25.69 -9.47
C THR A 114 -11.32 -25.50 -8.18
N GLY A 115 -11.04 -24.39 -7.50
CA GLY A 115 -11.79 -24.03 -6.31
C GLY A 115 -13.19 -23.54 -6.61
N ASN A 116 -13.43 -23.08 -7.83
CA ASN A 116 -14.77 -22.72 -8.28
C ASN A 116 -15.45 -23.85 -9.04
N LEU A 117 -15.02 -25.09 -8.80
CA LEU A 117 -15.63 -26.28 -9.41
C LEU A 117 -15.67 -26.14 -10.93
N GLN A 118 -14.49 -25.98 -11.51
CA GLN A 118 -14.33 -25.89 -12.96
C GLN A 118 -13.22 -26.84 -13.37
N THR A 119 -13.45 -27.57 -14.46
CA THR A 119 -12.50 -28.55 -14.94
C THR A 119 -11.47 -27.91 -15.86
N LEU A 120 -10.29 -28.51 -15.91
CA LEU A 120 -9.21 -28.02 -16.76
C LEU A 120 -8.36 -29.20 -17.22
N LYS A 121 -7.87 -29.13 -18.45
CA LYS A 121 -6.96 -30.12 -19.00
C LYS A 121 -5.56 -29.53 -19.02
N ILE A 122 -4.68 -30.05 -18.16
CA ILE A 122 -3.32 -29.55 -18.05
C ILE A 122 -2.34 -30.66 -18.40
N ARG A 123 -1.21 -30.27 -18.97
CA ARG A 123 -0.12 -31.19 -19.28
C ARG A 123 0.78 -31.27 -18.05
N VAL A 124 0.72 -32.40 -17.35
CA VAL A 124 1.51 -32.60 -16.13
C VAL A 124 2.85 -33.19 -16.51
N HIS A 125 3.93 -32.48 -16.17
CA HIS A 125 5.28 -33.01 -16.35
C HIS A 125 5.57 -33.92 -15.16
N GLU A 126 5.44 -35.22 -15.37
CA GLU A 126 5.47 -36.19 -14.28
C GLU A 126 6.91 -36.63 -14.03
N GLY A 127 7.46 -36.22 -12.90
CA GLY A 127 8.81 -36.60 -12.54
C GLY A 127 9.50 -35.47 -11.79
N TYR A 128 10.70 -35.75 -11.33
CA TYR A 128 11.51 -34.78 -10.62
C TYR A 128 12.30 -33.93 -11.61
N GLU A 129 12.33 -32.62 -11.37
CA GLU A 129 13.00 -31.69 -12.26
C GLU A 129 13.57 -30.54 -11.45
N GLU A 130 14.66 -29.97 -11.97
CA GLU A 130 15.23 -28.72 -11.45
C GLU A 130 15.21 -27.69 -12.56
N PHE A 131 14.86 -26.46 -12.21
CA PHE A 131 14.78 -25.37 -13.17
C PHE A 131 15.52 -24.15 -12.64
N THR A 132 15.94 -23.29 -13.57
CA THR A 132 16.46 -21.97 -13.25
C THR A 132 15.52 -20.92 -13.86
N MET A 133 15.08 -19.98 -13.04
CA MET A 133 14.15 -18.93 -13.47
C MET A 133 14.89 -17.61 -13.52
N VAL A 134 14.90 -16.98 -14.70
CA VAL A 134 15.63 -15.75 -14.92
C VAL A 134 14.65 -14.69 -15.39
N GLY A 135 14.58 -13.58 -14.67
CA GLY A 135 13.74 -12.45 -15.05
C GLY A 135 14.54 -11.15 -15.06
N ARG A 136 13.84 -10.08 -15.41
CA ARG A 136 14.49 -8.78 -15.47
C ARG A 136 14.84 -8.25 -14.09
N ARG A 137 13.94 -8.46 -13.12
CA ARG A 137 14.12 -7.94 -11.77
C ARG A 137 14.23 -9.05 -10.72
N ALA A 138 14.22 -10.31 -11.11
CA ALA A 138 14.26 -11.40 -10.15
C ALA A 138 14.91 -12.62 -10.79
N THR A 139 15.42 -13.51 -9.94
CA THR A 139 16.08 -14.73 -10.36
C THR A 139 15.88 -15.78 -9.29
N ALA A 140 15.69 -17.03 -9.71
CA ALA A 140 15.37 -18.08 -8.75
C ALA A 140 15.76 -19.44 -9.31
N ILE A 141 15.89 -20.41 -8.40
CA ILE A 141 16.15 -21.80 -8.71
C ILE A 141 14.98 -22.63 -8.19
N LEU A 142 14.43 -23.48 -9.04
CA LEU A 142 13.20 -24.22 -8.74
C LEU A 142 13.49 -25.72 -8.71
N ARG A 143 12.81 -26.40 -7.79
CA ARG A 143 12.83 -27.86 -7.70
C ARG A 143 11.41 -28.36 -7.53
N LYS A 144 11.01 -29.32 -8.37
CA LYS A 144 9.64 -29.79 -8.38
C LYS A 144 9.59 -31.31 -8.56
N ALA A 145 8.40 -31.84 -8.30
CA ALA A 145 8.06 -33.22 -8.63
C ALA A 145 6.67 -33.20 -9.26
N THR A 146 6.09 -34.37 -9.45
CA THR A 146 4.74 -34.45 -10.01
C THR A 146 3.76 -33.64 -9.18
N ARG A 147 3.35 -32.48 -9.68
CA ARG A 147 2.42 -31.59 -9.00
C ARG A 147 2.81 -31.38 -7.54
N ARG A 148 4.05 -30.94 -7.34
CA ARG A 148 4.56 -30.68 -6.00
C ARG A 148 5.79 -29.81 -6.11
N LEU A 149 5.76 -28.64 -5.46
CA LEU A 149 6.94 -27.78 -5.39
C LEU A 149 7.78 -28.21 -4.20
N ILE A 150 9.08 -28.42 -4.44
CA ILE A 150 9.98 -28.97 -3.44
C ILE A 150 10.88 -27.88 -2.85
N GLN A 151 11.43 -27.02 -3.68
CA GLN A 151 12.35 -26.00 -3.20
C GLN A 151 12.36 -24.84 -4.18
N LEU A 152 12.28 -23.62 -3.66
CA LEU A 152 12.39 -22.41 -4.47
C LEU A 152 13.28 -21.42 -3.73
N ILE A 153 14.47 -21.19 -4.27
CA ILE A 153 15.41 -20.21 -3.73
C ILE A 153 15.40 -19.01 -4.67
N VAL A 154 14.88 -17.88 -4.18
CA VAL A 154 14.60 -16.72 -5.01
C VAL A 154 15.37 -15.51 -4.50
N SER A 155 15.78 -14.64 -5.44
CA SER A 155 16.38 -13.36 -5.12
C SER A 155 15.81 -12.32 -6.08
N GLY A 156 16.04 -11.05 -5.76
CA GLY A 156 15.50 -9.98 -6.59
C GLY A 156 15.87 -8.63 -6.04
N ARG A 157 15.40 -7.60 -6.73
CA ARG A 157 15.66 -6.21 -6.37
C ARG A 157 14.56 -5.62 -5.50
N ASP A 158 13.32 -6.08 -5.66
CA ASP A 158 12.19 -5.58 -4.90
C ASP A 158 11.46 -6.73 -4.24
N GLU A 159 10.75 -6.42 -3.16
CA GLU A 159 9.82 -7.39 -2.59
C GLU A 159 8.72 -7.74 -3.58
N GLN A 160 8.39 -6.80 -4.47
CA GLN A 160 7.41 -7.08 -5.52
C GLN A 160 7.97 -8.04 -6.56
N SER A 161 9.27 -7.93 -6.85
CA SER A 161 9.87 -8.80 -7.85
C SER A 161 10.06 -10.21 -7.32
N ILE A 162 10.21 -10.36 -6.00
CA ILE A 162 10.26 -11.70 -5.41
C ILE A 162 8.87 -12.34 -5.45
N ALA A 163 7.83 -11.54 -5.21
CA ALA A 163 6.48 -12.06 -5.27
C ALA A 163 6.15 -12.59 -6.66
N GLU A 164 6.62 -11.90 -7.70
CA GLU A 164 6.36 -12.34 -9.06
C GLU A 164 6.95 -13.73 -9.31
N ALA A 165 8.17 -13.96 -8.85
CA ALA A 165 8.82 -15.25 -9.08
C ALA A 165 8.13 -16.37 -8.28
N ILE A 166 7.68 -16.07 -7.07
CA ILE A 166 7.03 -17.09 -6.25
C ILE A 166 5.73 -17.54 -6.91
N ILE A 167 4.91 -16.59 -7.34
CA ILE A 167 3.62 -16.93 -7.95
C ILE A 167 3.83 -17.84 -9.17
N VAL A 168 4.74 -17.44 -10.07
CA VAL A 168 5.01 -18.23 -11.26
C VAL A 168 5.44 -19.64 -10.87
N ALA A 169 6.27 -19.77 -9.83
CA ALA A 169 6.71 -21.09 -9.40
C ALA A 169 5.55 -21.91 -8.86
N MET A 170 4.64 -21.27 -8.14
CA MET A 170 3.48 -21.98 -7.62
C MET A 170 2.58 -22.48 -8.75
N VAL A 171 2.39 -21.66 -9.78
CA VAL A 171 1.56 -22.07 -10.90
C VAL A 171 2.25 -23.16 -11.70
N PHE A 172 3.56 -23.00 -11.95
CA PHE A 172 4.31 -24.02 -12.66
C PHE A 172 4.34 -25.34 -11.90
N SER A 173 4.26 -25.28 -10.57
CA SER A 173 4.31 -26.49 -9.76
C SER A 173 3.09 -27.38 -9.99
N GLN A 174 1.95 -26.78 -10.35
CA GLN A 174 0.71 -27.51 -10.59
C GLN A 174 0.14 -28.14 -9.32
N GLU A 175 0.52 -27.64 -8.16
CA GLU A 175 0.04 -28.19 -6.90
C GLU A 175 -1.47 -27.99 -6.76
N ASP A 176 -2.08 -28.87 -5.96
CA ASP A 176 -3.50 -28.74 -5.68
C ASP A 176 -3.81 -27.54 -4.78
N CYS A 177 -2.83 -27.08 -4.00
CA CYS A 177 -3.05 -25.90 -3.17
C CYS A 177 -3.30 -24.67 -4.03
N MET A 178 -2.75 -24.63 -5.23
CA MET A 178 -2.92 -23.51 -6.14
C MET A 178 -4.20 -23.66 -6.97
N ILE A 179 -4.52 -24.88 -7.39
CA ILE A 179 -5.75 -25.10 -8.15
C ILE A 179 -6.97 -24.78 -7.30
N LYS A 180 -6.98 -25.26 -6.06
CA LYS A 180 -8.12 -25.09 -5.17
C LYS A 180 -8.22 -23.68 -4.57
N ALA A 181 -7.26 -22.80 -4.87
CA ALA A 181 -7.33 -21.42 -4.41
C ALA A 181 -7.94 -20.48 -5.45
N VAL A 182 -8.42 -21.03 -6.56
CA VAL A 182 -9.02 -20.21 -7.61
C VAL A 182 -10.45 -19.88 -7.22
N ARG A 183 -10.75 -18.60 -7.08
CA ARG A 183 -12.08 -18.13 -6.71
C ARG A 183 -12.73 -17.49 -7.94
N GLY A 184 -13.29 -18.34 -8.79
CA GLY A 184 -14.03 -17.90 -9.95
C GLY A 184 -13.73 -18.79 -11.15
N ASP A 185 -14.67 -18.79 -12.10
CA ASP A 185 -14.47 -19.52 -13.35
C ASP A 185 -13.47 -18.78 -14.23
N LEU A 186 -12.51 -19.51 -14.78
CA LEU A 186 -11.44 -18.93 -15.58
C LEU A 186 -11.84 -18.91 -17.05
N ASN A 187 -11.66 -17.75 -17.70
CA ASN A 187 -11.90 -17.65 -19.13
C ASN A 187 -10.67 -18.11 -19.90
N PHE A 188 -10.91 -18.60 -21.12
CA PHE A 188 -9.84 -18.98 -22.03
C PHE A 188 -9.70 -18.01 -23.21
N VAL A 189 -10.46 -16.92 -23.22
CA VAL A 189 -10.35 -15.89 -24.25
C VAL A 189 -10.53 -14.53 -23.59
N ASN A 190 -9.53 -13.66 -23.72
CA ASN A 190 -9.64 -12.31 -23.22
C ASN A 190 -10.71 -11.55 -24.00
N ARG A 191 -11.03 -10.34 -23.53
CA ARG A 191 -12.01 -9.51 -24.22
C ARG A 191 -11.60 -9.26 -25.67
N ALA A 192 -10.31 -9.10 -25.93
CA ALA A 192 -9.82 -8.81 -27.27
C ALA A 192 -9.27 -10.07 -27.95
N ASN A 193 -10.13 -11.08 -28.03
CA ASN A 193 -9.81 -12.37 -28.64
C ASN A 193 -8.35 -12.75 -28.50
N GLN A 194 -7.91 -13.06 -27.29
CA GLN A 194 -6.56 -13.57 -27.04
C GLN A 194 -6.71 -14.90 -26.31
N ARG A 195 -6.69 -15.99 -27.08
CA ARG A 195 -6.85 -17.32 -26.51
C ARG A 195 -5.70 -17.65 -25.58
N LEU A 196 -5.99 -18.38 -24.50
CA LEU A 196 -5.02 -18.67 -23.47
C LEU A 196 -5.14 -20.12 -23.02
N ASN A 197 -3.99 -20.76 -22.79
CA ASN A 197 -3.98 -22.14 -22.30
C ASN A 197 -4.25 -22.17 -20.79
N PRO A 198 -4.75 -23.29 -20.28
CA PRO A 198 -5.08 -23.36 -18.84
C PRO A 198 -3.97 -22.91 -17.90
N MET A 199 -2.71 -23.25 -18.18
CA MET A 199 -1.64 -22.85 -17.27
C MET A 199 -1.42 -21.34 -17.29
N HIS A 200 -1.60 -20.70 -18.43
CA HIS A 200 -1.56 -19.25 -18.48
C HIS A 200 -2.82 -18.61 -17.92
N GLN A 201 -3.93 -19.35 -17.93
CA GLN A 201 -5.15 -18.87 -17.27
C GLN A 201 -4.94 -18.77 -15.77
N LEU A 202 -4.29 -19.77 -15.18
CA LEU A 202 -4.03 -19.74 -13.74
C LEU A 202 -3.00 -18.67 -13.39
N LEU A 203 -1.99 -18.49 -14.25
CA LEU A 203 -0.98 -17.49 -13.98
C LEU A 203 -1.59 -16.10 -13.95
N ARG A 204 -2.49 -15.79 -14.90
CA ARG A 204 -3.08 -14.46 -14.94
C ARG A 204 -4.04 -14.24 -13.78
N HIS A 205 -4.67 -15.31 -13.30
CA HIS A 205 -5.61 -15.16 -12.18
C HIS A 205 -4.90 -14.76 -10.91
N PHE A 206 -3.68 -15.27 -10.69
CA PHE A 206 -2.93 -14.98 -9.48
C PHE A 206 -1.99 -13.80 -9.65
N GLN A 207 -1.53 -13.53 -10.88
CA GLN A 207 -0.87 -12.26 -11.15
C GLN A 207 -1.76 -11.07 -10.82
N LYS A 208 -3.09 -11.28 -10.85
CA LYS A 208 -4.03 -10.22 -10.51
C LYS A 208 -4.16 -10.08 -8.99
N ASP A 209 -4.62 -11.14 -8.34
CA ASP A 209 -4.77 -11.17 -6.88
C ASP A 209 -4.29 -12.51 -6.38
N ALA A 210 -3.31 -12.50 -5.47
CA ALA A 210 -2.70 -13.73 -4.97
C ALA A 210 -2.82 -13.87 -3.46
N LYS A 211 -3.79 -13.19 -2.84
CA LYS A 211 -3.99 -13.33 -1.40
C LYS A 211 -4.40 -14.76 -1.05
N VAL A 212 -5.33 -15.32 -1.83
CA VAL A 212 -5.82 -16.67 -1.54
C VAL A 212 -4.72 -17.69 -1.73
N LEU A 213 -3.85 -17.47 -2.72
CA LEU A 213 -2.78 -18.43 -2.99
C LEU A 213 -1.79 -18.48 -1.83
N PHE A 214 -1.29 -17.32 -1.40
CA PHE A 214 -0.30 -17.29 -0.34
C PHE A 214 -0.88 -17.79 0.98
N GLN A 215 -2.13 -17.42 1.28
CA GLN A 215 -2.72 -17.80 2.56
C GLN A 215 -2.80 -19.32 2.69
N ASN A 216 -3.23 -20.01 1.63
CA ASN A 216 -3.51 -21.44 1.68
C ASN A 216 -2.37 -22.27 1.11
N TRP A 217 -1.23 -21.66 0.77
CA TRP A 217 -0.10 -22.44 0.28
C TRP A 217 0.54 -23.25 1.40
N GLY A 218 0.61 -22.68 2.60
CA GLY A 218 1.16 -23.36 3.75
C GLY A 218 2.50 -22.79 4.15
N ILE A 219 2.74 -22.75 5.46
CA ILE A 219 3.99 -22.24 6.01
C ILE A 219 4.70 -23.40 6.71
N GLU A 220 5.99 -23.22 6.93
CA GLU A 220 6.82 -24.24 7.54
C GLU A 220 7.96 -23.57 8.30
N PRO A 221 8.44 -24.18 9.37
CA PRO A 221 9.58 -23.60 10.08
C PRO A 221 10.86 -23.75 9.28
N ILE A 222 11.83 -22.90 9.60
CA ILE A 222 13.09 -22.87 8.89
C ILE A 222 14.23 -22.88 9.89
N ASP A 223 15.40 -23.27 9.41
CA ASP A 223 16.61 -23.33 10.21
C ASP A 223 17.57 -22.25 9.76
N ASN A 224 18.29 -21.67 10.72
CA ASN A 224 19.22 -20.57 10.45
C ASN A 224 20.34 -21.03 9.53
N VAL A 225 20.13 -20.95 8.21
CA VAL A 225 21.10 -21.39 7.22
C VAL A 225 21.69 -20.16 6.54
N MET A 226 23.00 -20.17 6.36
CA MET A 226 23.68 -18.99 5.82
C MET A 226 23.18 -18.69 4.42
N GLY A 227 22.92 -17.40 4.17
CA GLY A 227 22.48 -16.95 2.86
C GLY A 227 21.04 -17.27 2.53
N MET A 228 20.30 -17.90 3.44
CA MET A 228 18.91 -18.30 3.19
C MET A 228 18.04 -17.73 4.30
N ILE A 229 17.07 -16.90 3.91
CA ILE A 229 16.13 -16.31 4.84
C ILE A 229 14.72 -16.77 4.46
N GLY A 230 13.74 -16.43 5.30
CA GLY A 230 12.36 -16.79 5.08
C GLY A 230 11.51 -15.60 4.68
N ILE A 231 10.30 -15.90 4.22
CA ILE A 231 9.33 -14.88 3.82
C ILE A 231 7.93 -15.45 4.01
N LEU A 232 7.06 -14.64 4.59
CA LEU A 232 5.72 -15.06 4.99
C LEU A 232 4.69 -14.69 3.95
N PRO A 233 3.46 -15.23 4.05
CA PRO A 233 2.43 -14.92 3.05
C PRO A 233 2.18 -13.43 2.88
N ASP A 234 2.57 -12.62 3.86
CA ASP A 234 2.48 -11.17 3.74
C ASP A 234 3.83 -10.55 3.41
N MET A 235 4.70 -11.30 2.72
CA MET A 235 6.00 -10.80 2.27
C MET A 235 6.82 -10.25 3.44
N THR A 236 6.58 -10.76 4.64
CA THR A 236 7.35 -10.35 5.80
C THR A 236 8.53 -11.28 5.98
N PRO A 237 9.77 -10.80 5.90
CA PRO A 237 10.91 -11.70 6.09
C PRO A 237 10.93 -12.26 7.50
N SER A 238 11.43 -13.49 7.62
CA SER A 238 11.44 -14.19 8.90
C SER A 238 12.58 -15.19 8.92
N THR A 239 13.24 -15.30 10.08
CA THR A 239 14.28 -16.29 10.30
C THR A 239 13.78 -17.51 11.04
N GLU A 240 12.46 -17.67 11.15
CA GLU A 240 11.89 -18.77 11.92
C GLU A 240 10.81 -19.51 11.12
N MET A 241 10.13 -18.79 10.23
CA MET A 241 9.08 -19.37 9.40
C MET A 241 9.21 -18.82 7.99
N SER A 242 8.52 -19.46 7.05
CA SER A 242 8.55 -19.05 5.65
C SER A 242 7.44 -19.78 4.93
N LEU A 243 7.07 -19.25 3.76
CA LEU A 243 6.16 -19.99 2.89
C LEU A 243 6.80 -21.33 2.55
N ARG A 244 6.01 -22.38 2.61
CA ARG A 244 6.51 -23.73 2.43
C ARG A 244 7.34 -23.85 1.16
N GLY A 245 8.62 -24.19 1.33
CA GLY A 245 9.53 -24.42 0.23
C GLY A 245 10.16 -23.18 -0.37
N VAL A 246 9.74 -21.98 0.04
CA VAL A 246 10.31 -20.74 -0.45
C VAL A 246 11.36 -20.26 0.54
N ARG A 247 12.57 -19.97 0.04
CA ARG A 247 13.66 -19.47 0.87
C ARG A 247 14.36 -18.37 0.09
N VAL A 248 14.21 -17.13 0.53
CA VAL A 248 14.81 -15.99 -0.15
C VAL A 248 16.29 -15.93 0.16
N SER A 249 17.11 -15.69 -0.88
CA SER A 249 18.56 -15.67 -0.76
C SER A 249 19.04 -14.26 -1.08
N LYS A 250 18.88 -13.36 -0.11
CA LYS A 250 19.34 -11.98 -0.22
C LYS A 250 20.87 -11.93 -0.17
N GLN B 1 14.56 6.03 12.48
CA GLN B 1 13.23 6.11 11.80
C GLN B 1 12.08 5.95 12.78
N VAL B 2 12.16 4.92 13.64
CA VAL B 2 11.10 4.58 14.57
C VAL B 2 11.60 4.74 15.99
N GLN B 3 10.78 5.34 16.84
CA GLN B 3 10.97 5.35 18.29
C GLN B 3 9.93 4.44 18.93
N LEU B 4 10.26 3.90 20.10
CA LEU B 4 9.39 2.95 20.77
C LEU B 4 9.32 3.28 22.26
N GLN B 5 8.10 3.34 22.79
CA GLN B 5 7.86 3.61 24.20
C GLN B 5 6.74 2.71 24.68
N GLU B 6 6.98 2.02 25.81
CA GLU B 6 6.05 1.05 26.34
C GLU B 6 5.33 1.59 27.57
N SER B 7 4.14 1.08 27.81
CA SER B 7 3.33 1.48 28.95
C SER B 7 2.40 0.33 29.32
N GLY B 8 1.78 0.45 30.49
CA GLY B 8 0.83 -0.53 30.97
C GLY B 8 1.32 -1.44 32.07
N GLY B 9 2.57 -1.27 32.53
CA GLY B 9 3.09 -2.12 33.58
C GLY B 9 2.57 -1.74 34.96
N GLY B 10 2.87 -2.59 35.92
CA GLY B 10 2.44 -2.36 37.28
C GLY B 10 2.34 -3.68 38.03
N LEU B 11 1.96 -3.57 39.30
CA LEU B 11 1.83 -4.75 40.16
C LEU B 11 0.46 -5.39 39.98
N VAL B 12 0.46 -6.71 39.78
CA VAL B 12 -0.75 -7.50 39.67
C VAL B 12 -0.60 -8.74 40.52
N GLN B 13 -1.73 -9.35 40.86
CA GLN B 13 -1.73 -10.59 41.62
C GLN B 13 -1.46 -11.77 40.70
N PRO B 14 -0.93 -12.87 41.24
CA PRO B 14 -0.77 -14.08 40.43
C PRO B 14 -2.10 -14.51 39.83
N GLY B 15 -2.06 -14.86 38.55
CA GLY B 15 -3.27 -15.22 37.83
C GLY B 15 -4.04 -14.04 37.30
N GLY B 16 -3.43 -12.88 37.22
CA GLY B 16 -4.09 -11.67 36.76
C GLY B 16 -3.99 -11.50 35.27
N SER B 17 -4.01 -10.24 34.83
CA SER B 17 -3.89 -9.94 33.41
C SER B 17 -3.44 -8.49 33.26
N LEU B 18 -2.64 -8.25 32.23
CA LEU B 18 -2.08 -6.94 31.96
C LEU B 18 -1.83 -6.87 30.46
N ARG B 19 -2.43 -5.89 29.78
CA ARG B 19 -2.22 -5.69 28.36
C ARG B 19 -1.19 -4.58 28.19
N LEU B 20 0.01 -4.95 27.73
CA LEU B 20 1.05 -3.96 27.50
C LEU B 20 0.88 -3.32 26.12
N SER B 21 1.29 -2.06 26.02
CA SER B 21 1.18 -1.30 24.80
C SER B 21 2.55 -0.72 24.44
N CYS B 22 2.79 -0.57 23.15
CA CYS B 22 4.04 -0.02 22.65
C CYS B 22 3.71 0.94 21.51
N ALA B 23 3.82 2.24 21.77
CA ALA B 23 3.51 3.25 20.78
C ALA B 23 4.75 3.60 19.98
N ALA B 24 4.55 3.79 18.67
CA ALA B 24 5.64 4.08 17.75
C ALA B 24 5.38 5.39 17.02
N SER B 25 6.43 6.19 16.87
CA SER B 25 6.39 7.44 16.11
C SER B 25 7.42 7.31 15.00
N GLY B 26 6.97 6.99 13.80
CA GLY B 26 7.89 6.75 12.70
C GLY B 26 7.18 6.86 11.36
N ARG B 27 7.97 6.71 10.31
CA ARG B 27 7.49 6.90 8.94
C ARG B 27 6.61 5.74 8.48
N THR B 28 7.20 4.55 8.34
CA THR B 28 6.52 3.38 7.79
C THR B 28 6.42 2.32 8.88
N PHE B 29 5.43 2.48 9.75
CA PHE B 29 5.19 1.47 10.78
C PHE B 29 4.77 0.14 10.16
N SER B 30 3.95 0.20 9.11
CA SER B 30 3.42 -1.04 8.53
C SER B 30 4.52 -1.92 7.96
N MET B 31 5.62 -1.33 7.51
CA MET B 31 6.71 -2.07 6.90
C MET B 31 7.74 -2.54 7.93
N TYR B 32 7.37 -2.63 9.21
CA TYR B 32 8.27 -3.04 10.27
C TYR B 32 7.68 -4.22 11.04
N ALA B 33 8.45 -5.29 11.16
CA ALA B 33 8.08 -6.39 12.04
C ALA B 33 8.43 -6.03 13.48
N MET B 34 7.59 -6.48 14.41
CA MET B 34 7.72 -6.13 15.82
C MET B 34 7.97 -7.38 16.65
N ALA B 35 8.25 -7.16 17.93
CA ALA B 35 8.48 -8.27 18.86
C ALA B 35 8.47 -7.70 20.27
N TRP B 36 8.37 -8.61 21.24
CA TRP B 36 8.42 -8.28 22.67
C TRP B 36 9.50 -9.14 23.32
N PHE B 37 10.34 -8.50 24.12
CA PHE B 37 11.34 -9.20 24.90
C PHE B 37 11.14 -8.85 26.38
N ARG B 38 11.80 -9.63 27.24
CA ARG B 38 11.67 -9.44 28.68
C ARG B 38 12.98 -9.83 29.35
N GLN B 39 13.36 -9.08 30.37
CA GLN B 39 14.63 -9.27 31.07
C GLN B 39 14.32 -9.37 32.56
N ALA B 40 14.37 -10.60 33.09
CA ALA B 40 14.20 -10.80 34.51
C ALA B 40 15.42 -10.31 35.29
N PRO B 41 15.23 -9.91 36.55
CA PRO B 41 16.37 -9.47 37.36
C PRO B 41 17.51 -10.48 37.33
N GLY B 42 18.72 -9.99 37.07
CA GLY B 42 19.88 -10.86 37.02
C GLY B 42 19.86 -11.88 35.90
N LYS B 43 19.36 -11.50 34.74
CA LYS B 43 19.27 -12.42 33.61
C LYS B 43 19.22 -11.59 32.34
N GLN B 44 19.62 -12.20 31.21
CA GLN B 44 19.64 -11.49 29.95
C GLN B 44 18.24 -11.43 29.34
N ARG B 45 18.12 -10.71 28.23
CA ARG B 45 16.82 -10.55 27.59
C ARG B 45 16.30 -11.90 27.13
N GLU B 46 14.99 -12.10 27.29
CA GLU B 46 14.34 -13.35 26.92
C GLU B 46 13.30 -13.06 25.86
N PHE B 47 13.26 -13.90 24.82
CA PHE B 47 12.29 -13.74 23.76
C PHE B 47 10.89 -14.07 24.26
N VAL B 48 9.93 -13.22 23.93
CA VAL B 48 8.52 -13.44 24.27
C VAL B 48 7.69 -13.75 23.03
N GLY B 49 7.69 -12.84 22.06
CA GLY B 49 6.92 -13.06 20.84
C GLY B 49 7.29 -12.07 19.77
N THR B 50 6.97 -12.44 18.53
CA THR B 50 7.14 -11.59 17.36
C THR B 50 5.85 -11.63 16.53
N ILE B 51 5.76 -10.72 15.56
CA ILE B 51 4.54 -10.58 14.77
C ILE B 51 4.90 -10.09 13.38
N SER B 52 4.08 -10.49 12.40
CA SER B 52 4.30 -10.12 11.01
C SER B 52 3.97 -8.65 10.77
N ARG B 53 4.40 -8.16 9.60
CA ARG B 53 4.11 -6.79 9.20
C ARG B 53 2.61 -6.57 9.06
N SER B 54 1.87 -7.60 8.68
CA SER B 54 0.42 -7.48 8.59
C SER B 54 -0.27 -7.71 9.94
N GLY B 55 0.34 -8.52 10.81
CA GLY B 55 -0.29 -8.90 12.06
C GLY B 55 -0.92 -10.26 12.05
N ASP B 56 -0.89 -10.97 10.91
CA ASP B 56 -1.61 -12.22 10.80
C ASP B 56 -0.86 -13.37 11.44
N TYR B 57 0.46 -13.43 11.26
CA TYR B 57 1.27 -14.55 11.70
C TYR B 57 2.15 -14.11 12.86
N ALA B 58 1.84 -14.61 14.05
CA ALA B 58 2.61 -14.34 15.25
C ALA B 58 3.32 -15.61 15.71
N LEU B 59 4.36 -15.41 16.52
CA LEU B 59 5.14 -16.52 17.05
C LEU B 59 5.58 -16.16 18.46
N HIS B 60 5.37 -17.08 19.39
CA HIS B 60 5.68 -16.86 20.79
C HIS B 60 6.68 -17.90 21.27
N ALA B 61 7.17 -17.69 22.50
CA ALA B 61 8.16 -18.57 23.09
C ALA B 61 7.50 -19.74 23.79
N ASP B 62 8.29 -20.80 24.01
CA ASP B 62 7.79 -22.00 24.65
C ASP B 62 7.28 -21.73 26.07
N ALA B 63 7.74 -20.65 26.70
CA ALA B 63 7.39 -20.36 28.08
C ALA B 63 6.19 -19.44 28.22
N VAL B 64 5.68 -18.88 27.12
CA VAL B 64 4.56 -17.94 27.20
C VAL B 64 3.47 -18.33 26.21
N LYS B 65 3.75 -19.31 25.34
CA LYS B 65 2.77 -19.71 24.34
C LYS B 65 1.54 -20.30 25.02
N GLY B 66 0.36 -19.85 24.60
CA GLY B 66 -0.89 -20.26 25.20
C GLY B 66 -1.39 -19.34 26.29
N ARG B 67 -0.52 -18.53 26.88
CA ARG B 67 -0.88 -17.56 27.90
C ARG B 67 -0.71 -16.12 27.44
N PHE B 68 0.08 -15.88 26.40
CA PHE B 68 0.40 -14.55 25.93
C PHE B 68 -0.03 -14.39 24.48
N THR B 69 -0.40 -13.16 24.10
CA THR B 69 -0.75 -12.85 22.73
C THR B 69 -0.12 -11.52 22.34
N ILE B 70 0.38 -11.46 21.11
CA ILE B 70 0.95 -10.24 20.54
C ILE B 70 0.04 -9.79 19.41
N SER B 71 -0.30 -8.50 19.40
CA SER B 71 -1.20 -7.94 18.42
C SER B 71 -0.74 -6.52 18.08
N ARG B 72 -1.18 -6.04 16.91
CA ARG B 72 -0.78 -4.73 16.44
C ARG B 72 -1.92 -4.08 15.68
N ASP B 73 -1.99 -2.76 15.79
CA ASP B 73 -2.93 -1.93 15.04
C ASP B 73 -2.11 -0.95 14.22
N ASN B 74 -2.02 -1.18 12.91
CA ASN B 74 -1.18 -0.36 12.05
C ASN B 74 -1.80 0.99 11.72
N ALA B 75 -3.05 1.23 12.10
CA ALA B 75 -3.68 2.53 11.94
C ALA B 75 -3.43 3.45 13.14
N LYS B 76 -2.95 2.89 14.25
CA LYS B 76 -2.60 3.67 15.43
C LYS B 76 -1.13 3.54 15.79
N ASN B 77 -0.33 2.85 14.97
CA ASN B 77 1.09 2.68 15.22
C ASN B 77 1.35 2.17 16.65
N THR B 78 0.64 1.11 17.00
CA THR B 78 0.78 0.50 18.32
C THR B 78 0.80 -1.01 18.17
N VAL B 79 1.60 -1.66 19.01
CA VAL B 79 1.64 -3.12 19.11
C VAL B 79 1.47 -3.48 20.58
N TYR B 80 0.54 -4.37 20.86
CA TYR B 80 0.16 -4.72 22.23
C TYR B 80 0.59 -6.14 22.55
N LEU B 81 0.71 -6.40 23.86
CA LEU B 81 1.06 -7.72 24.38
C LEU B 81 0.04 -8.11 25.43
N GLN B 82 -0.81 -9.08 25.11
CA GLN B 82 -1.76 -9.61 26.07
C GLN B 82 -1.05 -10.59 27.01
N MET B 83 -1.23 -10.38 28.32
CA MET B 83 -0.62 -11.23 29.34
C MET B 83 -1.75 -11.85 30.17
N ASN B 84 -1.78 -13.19 30.20
CA ASN B 84 -2.87 -13.92 30.84
C ASN B 84 -2.30 -14.90 31.85
N SER B 85 -3.13 -15.26 32.83
CA SER B 85 -2.76 -16.18 33.90
C SER B 85 -1.33 -15.92 34.36
N LEU B 86 -1.09 -14.66 34.76
CA LEU B 86 0.26 -14.25 35.12
C LEU B 86 0.76 -15.03 36.33
N LYS B 87 2.07 -15.25 36.36
CA LYS B 87 2.73 -16.02 37.41
C LYS B 87 3.76 -15.15 38.12
N LEU B 88 4.15 -15.58 39.32
CA LEU B 88 5.25 -14.91 40.01
C LEU B 88 6.51 -14.90 39.16
N GLU B 89 6.67 -15.91 38.31
CA GLU B 89 7.87 -16.03 37.49
C GLU B 89 7.85 -15.11 36.27
N ASP B 90 6.73 -14.44 36.01
CA ASP B 90 6.65 -13.47 34.93
C ASP B 90 7.18 -12.10 35.33
N THR B 91 7.49 -11.89 36.61
CA THR B 91 8.01 -10.61 37.06
C THR B 91 9.30 -10.25 36.36
N ALA B 92 9.26 -9.21 35.51
CA ALA B 92 10.43 -8.77 34.77
C ALA B 92 10.09 -7.48 34.05
N VAL B 93 11.12 -6.86 33.48
CA VAL B 93 10.95 -5.67 32.65
C VAL B 93 10.74 -6.12 31.22
N TYR B 94 9.59 -5.76 30.65
CA TYR B 94 9.21 -6.18 29.31
C TYR B 94 9.56 -5.10 28.30
N TYR B 95 10.27 -5.49 27.24
CA TYR B 95 10.77 -4.56 26.23
C TYR B 95 9.99 -4.71 24.93
N CYS B 96 9.95 -3.62 24.17
CA CYS B 96 9.35 -3.59 22.85
C CYS B 96 10.44 -3.31 21.82
N ALA B 97 10.36 -3.98 20.67
CA ALA B 97 11.39 -3.86 19.66
C ALA B 97 10.77 -3.85 18.27
N ALA B 98 11.50 -3.29 17.32
CA ALA B 98 11.09 -3.23 15.93
C ALA B 98 12.28 -3.51 15.04
N GLY B 99 12.00 -4.06 13.86
CA GLY B 99 13.05 -4.38 12.92
C GLY B 99 12.47 -4.84 11.60
N ALA B 100 13.34 -5.38 10.76
CA ALA B 100 12.92 -5.82 9.44
C ALA B 100 12.46 -7.27 9.42
N TYR B 101 12.95 -8.10 10.34
CA TYR B 101 12.71 -9.54 10.30
C TYR B 101 11.86 -9.98 11.48
N HIS B 102 11.11 -11.05 11.25
CA HIS B 102 10.26 -11.70 12.25
C HIS B 102 11.07 -12.85 12.83
N SER B 103 11.74 -12.60 13.97
CA SER B 103 12.82 -13.46 14.43
C SER B 103 12.77 -13.60 15.95
N LYS B 104 13.70 -14.41 16.47
CA LYS B 104 13.95 -14.52 17.90
C LYS B 104 15.29 -13.92 18.30
N ASP B 105 16.12 -13.51 17.34
CA ASP B 105 17.43 -12.94 17.63
C ASP B 105 17.28 -11.49 18.05
N LYS B 106 17.69 -11.18 19.28
CA LYS B 106 17.65 -9.81 19.76
C LYS B 106 18.55 -8.89 18.95
N THR B 107 19.51 -9.44 18.21
CA THR B 107 20.43 -8.62 17.44
C THR B 107 19.85 -8.13 16.12
N LEU B 108 18.83 -8.81 15.60
CA LEU B 108 18.21 -8.40 14.34
C LEU B 108 17.28 -7.20 14.48
N TYR B 109 16.91 -6.84 15.71
CA TYR B 109 16.04 -5.69 15.93
C TYR B 109 16.89 -4.44 16.10
N ASP B 110 16.58 -3.42 15.30
CA ASP B 110 17.38 -2.19 15.27
C ASP B 110 16.88 -1.13 16.25
N TYR B 111 15.57 -0.93 16.32
CA TYR B 111 14.98 0.10 17.15
C TYR B 111 14.35 -0.54 18.38
N TRP B 112 14.75 -0.09 19.56
CA TRP B 112 14.31 -0.64 20.83
C TRP B 112 13.63 0.44 21.66
N GLY B 113 12.95 0.00 22.71
CA GLY B 113 12.23 0.89 23.61
C GLY B 113 12.97 1.14 24.90
N GLN B 114 12.22 1.42 25.96
CA GLN B 114 12.78 1.69 27.28
C GLN B 114 12.47 0.61 28.30
N GLY B 115 11.38 -0.12 28.14
CA GLY B 115 11.01 -1.15 29.09
C GLY B 115 10.03 -0.66 30.15
N THR B 116 9.09 -1.54 30.54
CA THR B 116 8.10 -1.23 31.56
C THR B 116 8.13 -2.33 32.61
N GLN B 117 8.12 -1.93 33.89
CA GLN B 117 8.24 -2.88 34.98
C GLN B 117 6.92 -3.59 35.22
N VAL B 118 6.98 -4.92 35.28
CA VAL B 118 5.82 -5.76 35.62
C VAL B 118 6.20 -6.64 36.79
N THR B 119 5.38 -6.62 37.84
CA THR B 119 5.63 -7.36 39.07
C THR B 119 4.38 -8.14 39.42
N VAL B 120 4.54 -9.45 39.63
CA VAL B 120 3.41 -10.31 39.94
C VAL B 120 3.58 -10.92 41.33
N SER C 92 10.46 25.85 15.61
CA SER C 92 10.33 24.64 14.82
C SER C 92 9.06 23.87 15.22
N PHE C 93 8.39 23.28 14.21
CA PHE C 93 7.14 22.58 14.43
C PHE C 93 7.01 21.45 13.42
N GLY C 94 6.81 20.23 13.91
CA GLY C 94 6.68 19.07 13.05
C GLY C 94 7.97 18.65 12.37
N GLY C 95 9.12 18.95 12.97
CA GLY C 95 10.39 18.63 12.38
C GLY C 95 10.83 19.53 11.25
N PHE C 96 10.06 20.58 10.96
CA PHE C 96 10.40 21.53 9.92
C PHE C 96 10.84 22.84 10.56
N THR C 97 11.86 23.46 9.98
CA THR C 97 12.39 24.73 10.48
C THR C 97 11.62 25.85 9.78
N PHE C 98 10.86 26.62 10.56
CA PHE C 98 10.02 27.68 10.05
C PHE C 98 10.77 29.01 10.18
N LYS C 99 10.79 29.79 9.10
CA LYS C 99 11.37 31.12 9.10
C LYS C 99 10.40 32.08 8.42
N ARG C 100 10.01 33.12 9.13
CA ARG C 100 9.08 34.11 8.59
C ARG C 100 9.83 35.06 7.65
N THR C 101 9.42 35.09 6.39
CA THR C 101 10.06 35.93 5.39
C THR C 101 9.35 37.27 5.19
N SER C 102 8.03 37.33 5.44
CA SER C 102 7.29 38.57 5.27
C SER C 102 6.03 38.50 6.14
N GLY C 103 5.46 39.68 6.39
CA GLY C 103 4.22 39.77 7.13
C GLY C 103 4.41 39.96 8.62
N SER C 104 3.27 40.06 9.30
CA SER C 104 3.23 40.25 10.74
C SER C 104 1.93 39.66 11.28
N SER C 105 1.93 39.37 12.58
CA SER C 105 0.76 38.77 13.22
C SER C 105 0.68 39.25 14.66
N VAL C 106 -0.52 39.14 15.22
CA VAL C 106 -0.80 39.49 16.61
C VAL C 106 -1.48 38.29 17.26
N LYS C 107 -0.87 37.77 18.32
CA LYS C 107 -1.36 36.54 18.95
C LYS C 107 -2.61 36.82 19.78
N LYS C 108 -3.59 35.93 19.65
CA LYS C 108 -4.88 36.05 20.33
C LYS C 108 -5.34 34.65 20.71
N GLU C 109 -5.80 34.50 21.95
CA GLU C 109 -6.28 33.21 22.42
C GLU C 109 -7.71 33.00 21.92
N GLU C 110 -7.94 31.85 21.29
CA GLU C 110 -9.24 31.51 20.70
C GLU C 110 -9.65 30.12 21.13
N GLU C 111 -10.94 29.93 21.36
CA GLU C 111 -11.52 28.66 21.76
C GLU C 111 -12.17 28.01 20.55
N VAL C 112 -11.68 26.84 20.17
CA VAL C 112 -12.15 26.16 18.95
C VAL C 112 -12.80 24.84 19.33
N LEU C 113 -13.66 24.36 18.45
CA LEU C 113 -14.44 23.13 18.65
C LEU C 113 -14.08 22.11 17.58
N THR C 114 -13.70 20.91 18.02
CA THR C 114 -13.25 19.87 17.11
C THR C 114 -14.45 19.18 16.44
N GLY C 115 -14.15 18.20 15.59
CA GLY C 115 -15.19 17.41 14.97
C GLY C 115 -15.86 16.44 15.91
N ASN C 116 -15.22 16.09 17.03
CA ASN C 116 -15.82 15.28 18.07
C ASN C 116 -16.40 16.14 19.19
N LEU C 117 -16.73 17.40 18.89
CA LEU C 117 -17.34 18.32 19.85
C LEU C 117 -16.51 18.41 21.12
N GLN C 118 -15.26 18.83 20.94
CA GLN C 118 -14.32 19.03 22.04
C GLN C 118 -13.68 20.39 21.87
N THR C 119 -13.55 21.12 22.97
CA THR C 119 -13.00 22.47 22.93
C THR C 119 -11.48 22.44 23.08
N LEU C 120 -10.84 23.48 22.56
CA LEU C 120 -9.38 23.62 22.63
C LEU C 120 -9.05 25.10 22.70
N LYS C 121 -8.00 25.43 23.46
CA LYS C 121 -7.49 26.79 23.57
C LYS C 121 -6.19 26.86 22.78
N ILE C 122 -6.21 27.57 21.66
CA ILE C 122 -5.05 27.72 20.79
C ILE C 122 -4.70 29.19 20.66
N ARG C 123 -3.41 29.48 20.50
CA ARG C 123 -2.93 30.83 20.26
C ARG C 123 -2.95 31.09 18.76
N VAL C 124 -3.90 31.90 18.31
CA VAL C 124 -4.02 32.24 16.90
C VAL C 124 -3.18 33.49 16.65
N HIS C 125 -2.17 33.36 15.78
CA HIS C 125 -1.39 34.51 15.35
C HIS C 125 -2.14 35.17 14.21
N GLU C 126 -2.78 36.30 14.52
CA GLU C 126 -3.73 36.97 13.63
C GLU C 126 -2.99 37.94 12.70
N GLY C 127 -2.98 37.63 11.42
CA GLY C 127 -2.35 38.48 10.44
C GLY C 127 -1.77 37.66 9.30
N TYR C 128 -1.26 38.37 8.31
CA TYR C 128 -0.64 37.75 7.15
C TYR C 128 0.83 37.47 7.40
N GLU C 129 1.27 36.27 7.00
CA GLU C 129 2.65 35.87 7.19
C GLU C 129 3.06 34.93 6.06
N GLU C 130 4.34 34.97 5.71
CA GLU C 130 4.94 34.01 4.81
C GLU C 130 6.04 33.25 5.54
N PHE C 131 6.12 31.94 5.31
CA PHE C 131 7.10 31.10 5.98
C PHE C 131 7.80 30.22 4.95
N THR C 132 9.01 29.79 5.31
CA THR C 132 9.74 28.77 4.57
C THR C 132 9.93 27.57 5.49
N MET C 133 9.58 26.39 4.99
CA MET C 133 9.64 25.16 5.77
C MET C 133 10.78 24.32 5.24
N VAL C 134 11.73 23.97 6.11
CA VAL C 134 12.92 23.24 5.74
C VAL C 134 12.98 21.96 6.58
N GLY C 135 13.01 20.82 5.89
CA GLY C 135 13.13 19.53 6.55
C GLY C 135 14.24 18.71 5.91
N ARG C 136 14.41 17.50 6.47
CA ARG C 136 15.47 16.62 5.96
C ARG C 136 15.12 16.09 4.59
N ARG C 137 13.85 15.77 4.35
CA ARG C 137 13.42 15.17 3.09
C ARG C 137 12.44 16.04 2.31
N ALA C 138 12.10 17.24 2.79
CA ALA C 138 11.12 18.07 2.11
C ALA C 138 11.40 19.54 2.41
N THR C 139 10.88 20.40 1.52
CA THR C 139 11.02 21.83 1.65
C THR C 139 9.79 22.49 1.02
N ALA C 140 9.31 23.57 1.62
CA ALA C 140 8.08 24.19 1.16
C ALA C 140 8.06 25.66 1.55
N ILE C 141 7.22 26.41 0.84
CA ILE C 141 6.98 27.83 1.11
C ILE C 141 5.51 27.99 1.45
N LEU C 142 5.24 28.66 2.57
CA LEU C 142 3.90 28.79 3.12
C LEU C 142 3.45 30.24 3.12
N ARG C 143 2.17 30.45 2.84
CA ARG C 143 1.52 31.75 2.96
C ARG C 143 0.20 31.55 3.68
N LYS C 144 -0.02 32.31 4.75
CA LYS C 144 -1.19 32.11 5.58
C LYS C 144 -1.77 33.46 6.01
N ALA C 145 -3.00 33.39 6.51
CA ALA C 145 -3.65 34.53 7.16
C ALA C 145 -4.30 34.04 8.44
N THR C 146 -5.12 34.86 9.09
CA THR C 146 -5.80 34.42 10.29
C THR C 146 -6.59 33.16 10.03
N ARG C 147 -6.08 32.02 10.47
CA ARG C 147 -6.72 30.72 10.31
C ARG C 147 -7.21 30.51 8.87
N ARG C 148 -6.27 30.61 7.93
CA ARG C 148 -6.57 30.39 6.52
C ARG C 148 -5.27 30.16 5.77
N LEU C 149 -5.15 29.01 5.10
CA LEU C 149 -4.01 28.73 4.24
C LEU C 149 -4.28 29.28 2.85
N ILE C 150 -3.32 30.04 2.33
CA ILE C 150 -3.47 30.73 1.05
C ILE C 150 -2.70 30.03 -0.05
N GLN C 151 -1.45 29.66 0.22
CA GLN C 151 -0.60 29.04 -0.79
C GLN C 151 0.47 28.22 -0.09
N LEU C 152 0.69 27.01 -0.60
CA LEU C 152 1.77 26.14 -0.12
C LEU C 152 2.44 25.55 -1.34
N ILE C 153 3.67 25.97 -1.61
CA ILE C 153 4.47 25.45 -2.71
C ILE C 153 5.50 24.52 -2.09
N VAL C 154 5.35 23.23 -2.33
CA VAL C 154 6.11 22.20 -1.64
C VAL C 154 6.91 21.39 -2.64
N SER C 155 8.10 20.95 -2.20
CA SER C 155 8.92 20.03 -2.96
C SER C 155 9.51 19.02 -1.98
N GLY C 156 10.06 17.93 -2.53
CA GLY C 156 10.63 16.90 -1.67
C GLY C 156 11.18 15.77 -2.49
N ARG C 157 11.72 14.78 -1.79
CA ARG C 157 12.30 13.61 -2.43
C ARG C 157 11.31 12.46 -2.56
N ASP C 158 10.34 12.37 -1.66
CA ASP C 158 9.34 11.32 -1.68
C ASP C 158 7.94 11.93 -1.65
N GLU C 159 6.97 11.17 -2.15
CA GLU C 159 5.58 11.56 -1.98
C GLU C 159 5.18 11.56 -0.51
N GLN C 160 5.82 10.70 0.30
CA GLN C 160 5.56 10.69 1.73
C GLN C 160 6.17 11.91 2.40
N SER C 161 7.32 12.39 1.90
CA SER C 161 7.94 13.56 2.49
C SER C 161 7.18 14.83 2.15
N ILE C 162 6.48 14.83 1.01
CA ILE C 162 5.61 15.96 0.69
C ILE C 162 4.37 15.95 1.57
N ALA C 163 3.84 14.75 1.85
CA ALA C 163 2.67 14.66 2.70
C ALA C 163 2.95 15.21 4.09
N GLU C 164 4.14 14.94 4.62
CA GLU C 164 4.48 15.45 5.94
C GLU C 164 4.47 16.97 5.96
N ALA C 165 5.01 17.60 4.92
CA ALA C 165 5.04 19.06 4.88
C ALA C 165 3.64 19.63 4.70
N ILE C 166 2.82 18.98 3.87
CA ILE C 166 1.45 19.45 3.65
C ILE C 166 0.65 19.36 4.94
N ILE C 167 0.70 18.20 5.60
CA ILE C 167 -0.05 18.01 6.84
C ILE C 167 0.36 19.07 7.87
N VAL C 168 1.66 19.23 8.07
CA VAL C 168 2.15 20.22 9.03
C VAL C 168 1.61 21.60 8.66
N ALA C 169 1.58 21.91 7.35
CA ALA C 169 1.08 23.20 6.91
C ALA C 169 -0.41 23.33 7.20
N MET C 170 -1.18 22.25 7.02
CA MET C 170 -2.60 22.32 7.32
C MET C 170 -2.85 22.53 8.80
N VAL C 171 -2.08 21.85 9.66
CA VAL C 171 -2.25 22.01 11.10
C VAL C 171 -1.79 23.39 11.54
N PHE C 172 -0.65 23.86 11.02
CA PHE C 172 -0.16 25.18 11.36
C PHE C 172 -1.13 26.27 10.89
N SER C 173 -1.87 26.01 9.81
CA SER C 173 -2.79 27.01 9.29
C SER C 173 -3.93 27.29 10.27
N GLN C 174 -4.29 26.30 11.10
CA GLN C 174 -5.37 26.43 12.07
C GLN C 174 -6.73 26.59 11.40
N GLU C 175 -6.88 26.13 10.15
CA GLU C 175 -8.15 26.25 9.46
C GLU C 175 -9.20 25.39 10.14
N ASP C 176 -10.47 25.79 9.96
CA ASP C 176 -11.57 25.02 10.52
C ASP C 176 -11.77 23.68 9.81
N CYS C 177 -11.31 23.56 8.57
CA CYS C 177 -11.43 22.29 7.87
C CYS C 177 -10.62 21.20 8.57
N MET C 178 -9.53 21.59 9.22
CA MET C 178 -8.67 20.64 9.93
C MET C 178 -9.18 20.37 11.34
N ILE C 179 -9.69 21.40 12.02
CA ILE C 179 -10.25 21.21 13.35
C ILE C 179 -11.46 20.30 13.29
N LYS C 180 -12.35 20.55 12.33
CA LYS C 180 -13.58 19.79 12.21
C LYS C 180 -13.36 18.42 11.59
N ALA C 181 -12.14 18.08 11.20
CA ALA C 181 -11.81 16.77 10.67
C ALA C 181 -11.30 15.81 11.74
N VAL C 182 -11.31 16.23 13.00
CA VAL C 182 -10.83 15.40 14.10
C VAL C 182 -11.91 14.39 14.47
N ARG C 183 -11.60 13.12 14.33
CA ARG C 183 -12.53 12.03 14.63
C ARG C 183 -12.06 11.36 15.93
N GLY C 184 -12.42 11.96 17.04
CA GLY C 184 -12.13 11.41 18.36
C GLY C 184 -11.69 12.49 19.32
N ASP C 185 -11.87 12.22 20.61
CA ASP C 185 -11.40 13.13 21.63
C ASP C 185 -9.88 13.06 21.73
N LEU C 186 -9.23 14.22 21.73
CA LEU C 186 -7.78 14.30 21.76
C LEU C 186 -7.29 14.38 23.21
N ASN C 187 -6.30 13.56 23.54
CA ASN C 187 -5.70 13.61 24.85
C ASN C 187 -4.61 14.67 24.90
N PHE C 188 -4.37 15.19 26.11
CA PHE C 188 -3.28 16.13 26.35
C PHE C 188 -2.15 15.48 27.14
N VAL C 189 -2.25 14.20 27.44
CA VAL C 189 -1.18 13.45 28.12
C VAL C 189 -1.14 12.06 27.49
N ASN C 190 -0.01 11.72 26.87
CA ASN C 190 0.18 10.39 26.31
C ASN C 190 0.28 9.36 27.43
N ARG C 191 0.40 8.10 27.03
CA ARG C 191 0.47 7.00 28.00
C ARG C 191 1.59 7.21 29.02
N ALA C 192 2.74 7.72 28.58
CA ALA C 192 3.90 7.87 29.46
C ALA C 192 4.06 9.30 29.95
N ASN C 193 2.99 9.82 30.57
CA ASN C 193 2.96 11.19 31.09
C ASN C 193 3.84 12.14 30.30
N GLN C 194 3.47 12.42 29.06
CA GLN C 194 4.12 13.42 28.24
C GLN C 194 3.06 14.41 27.78
N ARG C 195 2.95 15.53 28.48
CA ARG C 195 1.95 16.53 28.12
C ARG C 195 2.19 17.01 26.70
N LEU C 196 1.10 17.37 26.02
CA LEU C 196 1.13 17.72 24.61
C LEU C 196 0.35 18.99 24.38
N ASN C 197 0.85 19.84 23.50
CA ASN C 197 0.19 21.10 23.20
C ASN C 197 -1.00 20.87 22.26
N PRO C 198 -2.02 21.71 22.34
CA PRO C 198 -3.18 21.53 21.44
C PRO C 198 -2.77 21.49 19.98
N MET C 199 -1.83 22.33 19.58
CA MET C 199 -1.35 22.32 18.20
C MET C 199 -0.55 21.06 17.92
N HIS C 200 0.20 20.57 18.92
CA HIS C 200 0.89 19.29 18.78
C HIS C 200 -0.06 18.12 18.94
N GLN C 201 -1.18 18.31 19.64
CA GLN C 201 -2.20 17.27 19.71
C GLN C 201 -2.82 17.04 18.33
N LEU C 202 -3.11 18.13 17.62
CA LEU C 202 -3.66 18.00 16.28
C LEU C 202 -2.63 17.45 15.31
N LEU C 203 -1.37 17.83 15.48
CA LEU C 203 -0.32 17.34 14.60
C LEU C 203 -0.19 15.82 14.70
N ARG C 204 -0.24 15.29 15.92
CA ARG C 204 -0.08 13.86 16.10
C ARG C 204 -1.31 13.09 15.61
N HIS C 205 -2.49 13.71 15.67
CA HIS C 205 -3.70 13.01 15.25
C HIS C 205 -3.70 12.78 13.74
N PHE C 206 -3.17 13.73 12.97
CA PHE C 206 -3.17 13.61 11.51
C PHE C 206 -1.87 13.03 10.97
N GLN C 207 -0.75 13.20 11.66
CA GLN C 207 0.44 12.43 11.34
C GLN C 207 0.17 10.94 11.43
N LYS C 208 -0.82 10.55 12.23
CA LYS C 208 -1.20 9.15 12.34
C LYS C 208 -2.10 8.74 11.18
N ASP C 209 -3.25 9.40 11.04
CA ASP C 209 -4.19 9.13 9.95
C ASP C 209 -4.69 10.46 9.40
N ALA C 210 -4.47 10.68 8.10
CA ALA C 210 -4.81 11.94 7.46
C ALA C 210 -5.76 11.75 6.28
N LYS C 211 -6.49 10.63 6.23
CA LYS C 211 -7.44 10.43 5.15
C LYS C 211 -8.56 11.46 5.23
N VAL C 212 -9.10 11.68 6.44
CA VAL C 212 -10.21 12.60 6.61
C VAL C 212 -9.76 14.04 6.34
N LEU C 213 -8.51 14.37 6.69
CA LEU C 213 -8.03 15.73 6.50
C LEU C 213 -7.95 16.08 5.02
N PHE C 214 -7.29 15.23 4.23
CA PHE C 214 -7.11 15.52 2.81
C PHE C 214 -8.44 15.49 2.07
N GLN C 215 -9.33 14.56 2.42
CA GLN C 215 -10.60 14.45 1.72
C GLN C 215 -11.43 15.72 1.87
N ASN C 216 -11.47 16.28 3.09
CA ASN C 216 -12.32 17.42 3.40
C ASN C 216 -11.58 18.74 3.37
N TRP C 217 -10.32 18.76 2.93
CA TRP C 217 -9.58 20.02 2.85
C TRP C 217 -10.12 20.89 1.72
N GLY C 218 -10.49 20.29 0.61
CA GLY C 218 -11.04 21.01 -0.53
C GLY C 218 -10.05 21.05 -1.68
N ILE C 219 -10.58 20.94 -2.90
CA ILE C 219 -9.77 20.94 -4.11
C ILE C 219 -10.15 22.17 -4.94
N GLU C 220 -9.26 22.53 -5.86
CA GLU C 220 -9.45 23.69 -6.71
C GLU C 220 -8.72 23.45 -8.03
N PRO C 221 -9.21 24.01 -9.13
CA PRO C 221 -8.51 23.84 -10.41
C PRO C 221 -7.24 24.68 -10.45
N ILE C 222 -6.32 24.26 -11.32
CA ILE C 222 -5.02 24.90 -11.44
C ILE C 222 -4.70 25.14 -12.91
N ASP C 223 -3.80 26.09 -13.14
CA ASP C 223 -3.26 26.37 -14.47
C ASP C 223 -1.78 26.01 -14.49
N ASN C 224 -1.33 25.42 -15.60
CA ASN C 224 0.07 25.01 -15.74
C ASN C 224 0.96 26.25 -15.87
N VAL C 225 1.28 26.86 -14.72
CA VAL C 225 2.11 28.06 -14.67
C VAL C 225 3.36 27.73 -13.86
N MET C 226 4.51 28.19 -14.34
CA MET C 226 5.78 27.89 -13.69
C MET C 226 5.93 26.39 -13.51
N GLY C 227 6.95 25.97 -12.76
CA GLY C 227 7.17 24.56 -12.47
C GLY C 227 6.34 24.10 -11.28
N MET C 228 5.03 24.32 -11.34
CA MET C 228 4.12 24.00 -10.24
C MET C 228 3.03 23.09 -10.77
N ILE C 229 2.91 21.90 -10.18
CA ILE C 229 1.91 20.90 -10.58
C ILE C 229 0.93 20.73 -9.42
N GLY C 230 -0.11 19.92 -9.63
CA GLY C 230 -1.12 19.69 -8.63
C GLY C 230 -0.98 18.32 -7.98
N ILE C 231 -1.72 18.14 -6.88
CA ILE C 231 -1.72 16.89 -6.13
C ILE C 231 -3.07 16.75 -5.44
N LEU C 232 -3.65 15.56 -5.53
CA LEU C 232 -5.00 15.29 -5.08
C LEU C 232 -4.99 14.66 -3.69
N PRO C 233 -6.15 14.58 -3.03
CA PRO C 233 -6.19 14.00 -1.68
C PRO C 233 -5.60 12.61 -1.57
N ASP C 234 -5.47 11.90 -2.69
CA ASP C 234 -4.81 10.61 -2.72
C ASP C 234 -3.37 10.71 -3.22
N MET C 235 -2.74 11.86 -3.03
CA MET C 235 -1.34 12.08 -3.43
C MET C 235 -1.14 11.76 -4.91
N THR C 236 -2.18 11.91 -5.71
CA THR C 236 -2.07 11.69 -7.15
C THR C 236 -1.74 13.01 -7.82
N PRO C 237 -0.59 13.14 -8.48
CA PRO C 237 -0.28 14.41 -9.16
C PRO C 237 -1.27 14.70 -10.27
N SER C 238 -1.51 15.99 -10.50
CA SER C 238 -2.50 16.43 -11.47
C SER C 238 -2.09 17.78 -12.01
N THR C 239 -2.28 17.97 -13.32
CA THR C 239 -2.02 19.24 -13.98
C THR C 239 -3.27 20.05 -14.20
N GLU C 240 -4.39 19.68 -13.58
CA GLU C 240 -5.66 20.37 -13.79
C GLU C 240 -6.34 20.69 -12.46
N MET C 241 -6.10 19.89 -11.43
CA MET C 241 -6.71 20.09 -10.12
C MET C 241 -5.67 19.91 -9.04
N SER C 242 -5.99 20.37 -7.84
CA SER C 242 -5.07 20.26 -6.73
C SER C 242 -5.79 20.62 -5.43
N LEU C 243 -5.21 20.16 -4.33
CA LEU C 243 -5.66 20.56 -3.00
C LEU C 243 -5.54 22.07 -2.84
N ARG C 244 -6.52 22.67 -2.15
CA ARG C 244 -6.56 24.12 -1.99
C ARG C 244 -5.21 24.68 -1.57
N GLY C 245 -4.61 25.49 -2.43
CA GLY C 245 -3.39 26.19 -2.10
C GLY C 245 -2.13 25.35 -2.18
N VAL C 246 -2.24 24.05 -2.42
CA VAL C 246 -1.09 23.17 -2.49
C VAL C 246 -0.64 23.07 -3.94
N ARG C 247 0.64 23.34 -4.19
CA ARG C 247 1.22 23.26 -5.52
C ARG C 247 2.59 22.61 -5.40
N VAL C 248 2.72 21.39 -5.90
CA VAL C 248 4.00 20.67 -5.83
C VAL C 248 4.95 21.24 -6.86
N SER C 249 6.18 21.51 -6.45
CA SER C 249 7.20 22.16 -7.28
C SER C 249 8.40 21.23 -7.44
N LYS C 250 8.30 20.29 -8.39
CA LYS C 250 9.44 19.42 -8.69
C LYS C 250 10.59 20.22 -9.28
N GLN D 1 6.27 -0.91 -19.03
CA GLN D 1 5.81 -1.44 -17.72
C GLN D 1 4.37 -1.95 -17.80
N VAL D 2 3.50 -1.12 -18.39
CA VAL D 2 2.07 -1.40 -18.46
C VAL D 2 1.69 -1.52 -19.94
N GLN D 3 0.86 -2.52 -20.24
CA GLN D 3 0.23 -2.66 -21.54
C GLN D 3 -1.24 -2.27 -21.43
N LEU D 4 -1.82 -1.81 -22.54
CA LEU D 4 -3.19 -1.34 -22.54
C LEU D 4 -3.93 -1.88 -23.75
N GLN D 5 -5.09 -2.46 -23.52
CA GLN D 5 -5.94 -3.00 -24.57
C GLN D 5 -7.39 -2.66 -24.23
N GLU D 6 -8.10 -2.10 -25.20
CA GLU D 6 -9.46 -1.63 -25.00
C GLU D 6 -10.45 -2.58 -25.65
N SER D 7 -11.66 -2.62 -25.10
CA SER D 7 -12.73 -3.46 -25.62
C SER D 7 -14.08 -2.85 -25.27
N GLY D 8 -15.12 -3.38 -25.87
CA GLY D 8 -16.48 -2.95 -25.62
C GLY D 8 -17.10 -2.09 -26.69
N GLY D 9 -16.37 -1.81 -27.78
CA GLY D 9 -16.91 -0.99 -28.84
C GLY D 9 -17.86 -1.75 -29.76
N GLY D 10 -18.50 -1.00 -30.63
CA GLY D 10 -19.44 -1.58 -31.59
C GLY D 10 -20.47 -0.55 -31.99
N LEU D 11 -21.36 -0.97 -32.88
CA LEU D 11 -22.41 -0.10 -33.37
C LEU D 11 -23.59 -0.12 -32.40
N VAL D 12 -24.07 1.07 -32.05
CA VAL D 12 -25.23 1.23 -31.18
C VAL D 12 -26.17 2.25 -31.80
N GLN D 13 -27.42 2.23 -31.34
CA GLN D 13 -28.41 3.17 -31.82
C GLN D 13 -28.20 4.53 -31.16
N PRO D 14 -28.61 5.62 -31.81
CA PRO D 14 -28.56 6.93 -31.16
C PRO D 14 -29.33 6.91 -29.86
N GLY D 15 -28.72 7.48 -28.81
CA GLY D 15 -29.33 7.44 -27.50
C GLY D 15 -29.11 6.16 -26.73
N GLY D 16 -28.14 5.36 -27.13
CA GLY D 16 -27.87 4.08 -26.50
C GLY D 16 -26.91 4.19 -25.33
N SER D 17 -26.17 3.12 -25.10
CA SER D 17 -25.20 3.07 -24.02
C SER D 17 -24.20 1.97 -24.31
N LEU D 18 -22.95 2.20 -23.91
CA LEU D 18 -21.86 1.27 -24.15
C LEU D 18 -20.82 1.48 -23.08
N ARG D 19 -20.48 0.42 -22.34
CA ARG D 19 -19.44 0.47 -21.31
C ARG D 19 -18.15 -0.08 -21.89
N LEU D 20 -17.17 0.80 -22.10
CA LEU D 20 -15.87 0.40 -22.60
C LEU D 20 -14.97 -0.07 -21.46
N SER D 21 -14.07 -0.99 -21.79
CA SER D 21 -13.13 -1.54 -20.83
C SER D 21 -11.72 -1.42 -21.36
N CYS D 22 -10.76 -1.26 -20.44
CA CYS D 22 -9.34 -1.17 -20.78
C CYS D 22 -8.56 -2.00 -19.78
N ALA D 23 -8.08 -3.16 -20.20
CA ALA D 23 -7.34 -4.06 -19.32
C ALA D 23 -5.85 -3.73 -19.40
N ALA D 24 -5.18 -3.78 -18.25
CA ALA D 24 -3.77 -3.45 -18.13
C ALA D 24 -3.01 -4.62 -17.51
N SER D 25 -1.82 -4.89 -18.04
CA SER D 25 -0.91 -5.90 -17.51
C SER D 25 0.39 -5.19 -17.16
N GLY D 26 0.58 -4.89 -15.87
CA GLY D 26 1.73 -4.13 -15.45
C GLY D 26 2.00 -4.31 -13.97
N ARG D 27 3.09 -3.69 -13.52
CA ARG D 27 3.56 -3.86 -12.15
C ARG D 27 2.65 -3.13 -11.16
N THR D 28 2.63 -1.80 -11.22
CA THR D 28 1.90 -0.97 -10.27
C THR D 28 0.79 -0.23 -11.01
N PHE D 29 -0.32 -0.93 -11.24
CA PHE D 29 -1.47 -0.28 -11.85
C PHE D 29 -2.04 0.80 -10.94
N SER D 30 -2.08 0.54 -9.63
CA SER D 30 -2.69 1.49 -8.70
C SER D 30 -1.92 2.80 -8.67
N MET D 31 -0.62 2.77 -8.91
CA MET D 31 0.23 3.95 -8.86
C MET D 31 0.29 4.67 -10.21
N TYR D 32 -0.67 4.42 -11.11
CA TYR D 32 -0.71 5.04 -12.42
C TYR D 32 -2.06 5.72 -12.60
N ALA D 33 -2.04 6.99 -12.96
CA ALA D 33 -3.26 7.68 -13.33
C ALA D 33 -3.64 7.31 -14.76
N MET D 34 -4.94 7.21 -15.01
CA MET D 34 -5.47 6.75 -16.28
C MET D 34 -6.27 7.85 -16.95
N ALA D 35 -6.68 7.59 -18.18
CA ALA D 35 -7.49 8.54 -18.93
C ALA D 35 -8.05 7.85 -20.17
N TRP D 36 -9.03 8.49 -20.79
CA TRP D 36 -9.65 8.04 -22.02
C TRP D 36 -9.57 9.18 -23.03
N PHE D 37 -9.16 8.85 -24.25
CA PHE D 37 -9.11 9.81 -25.36
C PHE D 37 -10.00 9.30 -26.49
N ARG D 38 -10.25 10.19 -27.44
CA ARG D 38 -11.14 9.88 -28.55
C ARG D 38 -10.63 10.56 -29.81
N GLN D 39 -10.65 9.83 -30.93
CA GLN D 39 -10.09 10.31 -32.19
C GLN D 39 -11.07 10.02 -33.33
N ALA D 40 -11.64 11.07 -33.91
CA ALA D 40 -12.39 10.90 -35.14
C ALA D 40 -11.40 10.52 -36.25
N PRO D 41 -11.87 9.85 -37.30
CA PRO D 41 -10.94 9.39 -38.35
C PRO D 41 -9.94 10.44 -38.81
N GLY D 42 -10.40 11.66 -39.10
CA GLY D 42 -9.51 12.70 -39.57
C GLY D 42 -8.82 13.48 -38.46
N LYS D 43 -9.61 13.96 -37.49
CA LYS D 43 -9.07 14.77 -36.41
C LYS D 43 -8.20 13.95 -35.47
N GLN D 44 -7.33 14.65 -34.73
CA GLN D 44 -6.39 14.05 -33.81
C GLN D 44 -7.13 13.68 -32.52
N ARG D 45 -6.41 13.03 -31.60
CA ARG D 45 -7.03 12.54 -30.37
C ARG D 45 -7.60 13.67 -29.54
N GLU D 46 -8.75 13.39 -28.92
CA GLU D 46 -9.49 14.35 -28.10
C GLU D 46 -9.61 13.81 -26.68
N PHE D 47 -9.41 14.70 -25.70
CA PHE D 47 -9.54 14.30 -24.30
C PHE D 47 -10.98 13.98 -23.95
N VAL D 48 -11.18 12.86 -23.26
CA VAL D 48 -12.51 12.45 -22.78
C VAL D 48 -12.60 12.56 -21.26
N GLY D 49 -11.71 11.88 -20.54
CA GLY D 49 -11.73 11.93 -19.10
C GLY D 49 -10.46 11.32 -18.52
N THR D 50 -10.18 11.69 -17.27
CA THR D 50 -9.07 11.14 -16.50
C THR D 50 -9.57 10.79 -15.11
N ILE D 51 -8.75 10.05 -14.37
CA ILE D 51 -9.15 9.53 -13.07
C ILE D 51 -7.95 9.42 -12.15
N SER D 52 -8.20 9.57 -10.85
CA SER D 52 -7.15 9.52 -9.86
C SER D 52 -6.64 8.09 -9.69
N ARG D 53 -5.47 7.98 -9.04
CA ARG D 53 -4.91 6.67 -8.77
C ARG D 53 -5.78 5.87 -7.81
N SER D 54 -6.52 6.55 -6.93
CA SER D 54 -7.44 5.85 -6.05
C SER D 54 -8.77 5.56 -6.73
N GLY D 55 -9.15 6.38 -7.70
CA GLY D 55 -10.43 6.28 -8.36
C GLY D 55 -11.49 7.23 -7.84
N ASP D 56 -11.16 8.01 -6.81
CA ASP D 56 -12.17 8.85 -6.17
C ASP D 56 -12.45 10.12 -6.97
N TYR D 57 -11.40 10.74 -7.51
CA TYR D 57 -11.50 12.04 -8.15
C TYR D 57 -11.32 11.87 -9.66
N ALA D 58 -12.40 12.06 -10.40
CA ALA D 58 -12.40 11.98 -11.85
C ALA D 58 -12.65 13.35 -12.46
N LEU D 59 -12.27 13.48 -13.73
CA LEU D 59 -12.41 14.73 -14.46
C LEU D 59 -12.75 14.41 -15.91
N HIS D 60 -13.76 15.08 -16.45
CA HIS D 60 -14.23 14.84 -17.80
C HIS D 60 -14.12 16.11 -18.63
N ALA D 61 -14.35 15.95 -19.93
CA ALA D 61 -14.27 17.05 -20.89
C ALA D 61 -15.60 17.78 -20.98
N ASP D 62 -15.54 19.02 -21.48
CA ASP D 62 -16.74 19.83 -21.59
C ASP D 62 -17.80 19.20 -22.49
N ALA D 63 -17.41 18.32 -23.41
CA ALA D 63 -18.33 17.77 -24.38
C ALA D 63 -18.93 16.45 -23.95
N VAL D 64 -18.48 15.86 -22.84
CA VAL D 64 -18.97 14.56 -22.41
C VAL D 64 -19.39 14.60 -20.94
N LYS D 65 -19.10 15.71 -20.26
CA LYS D 65 -19.46 15.81 -18.84
C LYS D 65 -20.97 15.72 -18.69
N GLY D 66 -21.41 14.88 -17.76
CA GLY D 66 -22.81 14.63 -17.54
C GLY D 66 -23.36 13.44 -18.30
N ARG D 67 -22.67 13.00 -19.38
CA ARG D 67 -23.08 11.84 -20.15
C ARG D 67 -22.12 10.67 -20.03
N PHE D 68 -20.86 10.91 -19.68
CA PHE D 68 -19.83 9.88 -19.63
C PHE D 68 -19.24 9.83 -18.22
N THR D 69 -18.82 8.64 -17.81
CA THR D 69 -18.17 8.46 -16.52
C THR D 69 -16.99 7.52 -16.67
N ILE D 70 -15.90 7.84 -15.96
CA ILE D 70 -14.70 7.02 -15.94
C ILE D 70 -14.55 6.42 -14.55
N SER D 71 -14.26 5.12 -14.49
CA SER D 71 -14.11 4.40 -13.24
C SER D 71 -13.00 3.36 -13.42
N ARG D 72 -12.43 2.92 -12.31
CA ARG D 72 -11.32 1.98 -12.34
C ARG D 72 -11.44 1.00 -11.18
N ASP D 73 -10.97 -0.23 -11.43
CA ASP D 73 -10.87 -1.28 -10.43
C ASP D 73 -9.40 -1.70 -10.33
N ASN D 74 -8.72 -1.28 -9.27
CA ASN D 74 -7.31 -1.55 -9.12
C ASN D 74 -7.03 -2.98 -8.66
N ALA D 75 -8.05 -3.75 -8.31
CA ALA D 75 -7.87 -5.15 -7.97
C ALA D 75 -7.96 -6.06 -9.18
N LYS D 76 -8.46 -5.56 -10.31
CA LYS D 76 -8.51 -6.32 -11.56
C LYS D 76 -7.70 -5.63 -12.66
N ASN D 77 -6.99 -4.55 -12.34
CA ASN D 77 -6.17 -3.83 -13.31
C ASN D 77 -6.99 -3.47 -14.56
N THR D 78 -8.15 -2.85 -14.32
CA THR D 78 -9.04 -2.44 -15.39
C THR D 78 -9.58 -1.05 -15.09
N VAL D 79 -9.75 -0.26 -16.15
CA VAL D 79 -10.38 1.06 -16.07
C VAL D 79 -11.48 1.11 -17.11
N TYR D 80 -12.68 1.52 -16.68
CA TYR D 80 -13.86 1.50 -17.53
C TYR D 80 -14.29 2.92 -17.87
N LEU D 81 -15.02 3.03 -18.97
CA LEU D 81 -15.60 4.31 -19.42
C LEU D 81 -17.07 4.05 -19.73
N GLN D 82 -17.96 4.53 -18.87
CA GLN D 82 -19.39 4.44 -19.14
C GLN D 82 -19.82 5.54 -20.09
N MET D 83 -20.53 5.16 -21.15
CA MET D 83 -21.00 6.08 -22.18
C MET D 83 -22.53 6.05 -22.21
N ASN D 84 -23.15 7.20 -22.00
CA ASN D 84 -24.60 7.30 -21.87
C ASN D 84 -25.13 8.31 -22.87
N SER D 85 -26.41 8.17 -23.19
CA SER D 85 -27.10 9.04 -24.15
C SER D 85 -26.20 9.34 -25.35
N LEU D 86 -25.74 8.27 -25.99
CA LEU D 86 -24.79 8.44 -27.08
C LEU D 86 -25.41 9.20 -28.24
N LYS D 87 -24.57 9.96 -28.94
CA LYS D 87 -25.00 10.79 -30.05
C LYS D 87 -24.26 10.36 -31.32
N LEU D 88 -24.80 10.78 -32.47
CA LEU D 88 -24.09 10.56 -33.73
C LEU D 88 -22.70 11.16 -33.68
N GLU D 89 -22.51 12.22 -32.89
CA GLU D 89 -21.22 12.91 -32.81
C GLU D 89 -20.22 12.18 -31.93
N ASP D 90 -20.65 11.16 -31.18
CA ASP D 90 -19.72 10.37 -30.37
C ASP D 90 -19.00 9.31 -31.19
N THR D 91 -19.39 9.10 -32.45
CA THR D 91 -18.75 8.10 -33.29
C THR D 91 -17.27 8.41 -33.48
N ALA D 92 -16.41 7.57 -32.91
CA ALA D 92 -14.96 7.76 -33.02
C ALA D 92 -14.26 6.55 -32.41
N VAL D 93 -12.95 6.51 -32.60
CA VAL D 93 -12.12 5.47 -32.00
C VAL D 93 -11.68 5.98 -30.62
N TYR D 94 -12.05 5.25 -29.58
CA TYR D 94 -11.78 5.64 -28.20
C TYR D 94 -10.51 4.96 -27.73
N TYR D 95 -9.58 5.76 -27.20
CA TYR D 95 -8.27 5.29 -26.79
C TYR D 95 -8.18 5.24 -25.28
N CYS D 96 -7.33 4.34 -24.78
CA CYS D 96 -7.03 4.22 -23.37
C CYS D 96 -5.57 4.57 -23.15
N ALA D 97 -5.28 5.27 -22.07
CA ALA D 97 -3.93 5.74 -21.80
C ALA D 97 -3.65 5.64 -20.30
N ALA D 98 -2.36 5.58 -19.98
CA ALA D 98 -1.88 5.53 -18.61
C ALA D 98 -0.66 6.43 -18.48
N GLY D 99 -0.47 6.98 -17.29
CA GLY D 99 0.66 7.85 -17.06
C GLY D 99 0.76 8.22 -15.60
N ALA D 100 1.61 9.20 -15.33
CA ALA D 100 1.86 9.64 -13.96
C ALA D 100 0.91 10.73 -13.50
N TYR D 101 0.38 11.53 -14.43
CA TYR D 101 -0.38 12.72 -14.09
C TYR D 101 -1.84 12.58 -14.49
N HIS D 102 -2.69 13.26 -13.73
CA HIS D 102 -4.13 13.34 -13.97
C HIS D 102 -4.35 14.62 -14.77
N SER D 103 -4.40 14.48 -16.10
CA SER D 103 -4.21 15.61 -17.00
C SER D 103 -5.13 15.50 -18.22
N LYS D 104 -5.05 16.52 -19.07
CA LYS D 104 -5.67 16.52 -20.38
C LYS D 104 -4.67 16.45 -21.53
N ASP D 105 -3.37 16.56 -21.24
CA ASP D 105 -2.35 16.56 -22.28
C ASP D 105 -2.07 15.15 -22.75
N LYS D 106 -2.30 14.89 -24.04
CA LYS D 106 -1.98 13.58 -24.60
C LYS D 106 -0.49 13.29 -24.55
N THR D 107 0.35 14.32 -24.41
CA THR D 107 1.79 14.12 -24.38
C THR D 107 2.30 13.69 -23.02
N LEU D 108 1.55 13.95 -21.95
CA LEU D 108 1.97 13.55 -20.62
C LEU D 108 1.74 12.06 -20.35
N TYR D 109 0.94 11.39 -21.18
CA TYR D 109 0.70 9.97 -21.02
C TYR D 109 1.73 9.18 -21.81
N ASP D 110 2.40 8.25 -21.13
CA ASP D 110 3.50 7.51 -21.72
C ASP D 110 3.06 6.21 -22.38
N TYR D 111 2.19 5.46 -21.73
CA TYR D 111 1.73 4.16 -22.24
C TYR D 111 0.32 4.29 -22.78
N TRP D 112 0.13 3.89 -24.04
CA TRP D 112 -1.12 4.02 -24.75
C TRP D 112 -1.61 2.63 -25.20
N GLY D 113 -2.86 2.58 -25.61
CA GLY D 113 -3.50 1.37 -26.06
C GLY D 113 -3.57 1.27 -27.56
N GLN D 114 -4.60 0.58 -28.06
CA GLN D 114 -4.80 0.39 -29.49
C GLN D 114 -5.98 1.17 -30.04
N GLY D 115 -6.99 1.43 -29.20
CA GLY D 115 -8.19 2.12 -29.65
C GLY D 115 -9.29 1.15 -30.03
N THR D 116 -10.54 1.49 -29.69
CA THR D 116 -11.68 0.66 -30.01
C THR D 116 -12.71 1.51 -30.75
N GLN D 117 -13.26 0.96 -31.82
CA GLN D 117 -14.17 1.71 -32.68
C GLN D 117 -15.57 1.74 -32.08
N VAL D 118 -16.15 2.94 -31.99
CA VAL D 118 -17.52 3.14 -31.53
C VAL D 118 -18.26 3.90 -32.61
N THR D 119 -19.42 3.37 -33.03
CA THR D 119 -20.20 3.96 -34.11
C THR D 119 -21.65 4.10 -33.66
N VAL D 120 -22.20 5.30 -33.80
CA VAL D 120 -23.56 5.57 -33.38
C VAL D 120 -24.44 5.95 -34.56
#